data_5SQC
#
_entry.id   5SQC
#
_cell.length_a   88.718
_cell.length_b   88.718
_cell.length_c   39.454
_cell.angle_alpha   90.000
_cell.angle_beta   90.000
_cell.angle_gamma   90.000
#
_symmetry.space_group_name_H-M   'P 43'
#
loop_
_entity.id
_entity.type
_entity.pdbx_description
1 polymer 'Non-structural protein 3'
2 non-polymer '(1R,2R)-4-hydroxy-1-({5-[(oxan-4-yl)amino]pyrazine-2-carbonyl}amino)-2,3-dihydro-1H-indene-2-carboxylic acid'
3 non-polymer '(1S,2S)-4-hydroxy-1-({5-[(oxan-4-yl)amino]pyrazine-2-carbonyl}amino)-2,3-dihydro-1H-indene-2-carboxylic acid'
4 water water
#
_entity_poly.entity_id   1
_entity_poly.type   'polypeptide(L)'
_entity_poly.pdbx_seq_one_letter_code
;SMVNSFSGYLKLTDNVYIKNADIVEEAKKVKPTVVVNAANVYLKHGGGVAGALNKATNNAMQVESDDYIATNGPLKVGGS
CVLSGHNLAKHCLHVVGPNVNKGEDIQLLKSAYENFNQHEVLLAPLLSAGIFGADPIHSLRVCVDTVRTNVYLAVFDKNL
YDKLVSSFL
;
_entity_poly.pdbx_strand_id   A,B
#
loop_
_chem_comp.id
_chem_comp.type
_chem_comp.name
_chem_comp.formula
QOR non-polymer '(1R,2R)-4-hydroxy-1-({5-[(oxan-4-yl)amino]pyrazine-2-carbonyl}amino)-2,3-dihydro-1H-indene-2-carboxylic acid' 'C20 H22 N4 O5'
QP9 non-polymer '(1S,2S)-4-hydroxy-1-({5-[(oxan-4-yl)amino]pyrazine-2-carbonyl}amino)-2,3-dihydro-1H-indene-2-carboxylic acid' 'C20 H22 N4 O5'
#
# COMPACT_ATOMS: atom_id res chain seq x y z
N VAL A 3 16.03 12.51 -13.67
CA VAL A 3 15.36 13.81 -13.76
C VAL A 3 13.89 13.61 -14.16
N ASN A 4 12.98 14.35 -13.53
CA ASN A 4 11.56 14.32 -13.90
C ASN A 4 11.03 15.75 -14.03
N SER A 5 9.74 15.83 -14.42
N SER A 5 9.80 15.90 -14.49
CA SER A 5 9.09 17.07 -14.85
CA SER A 5 9.21 17.20 -14.86
C SER A 5 8.45 17.84 -13.73
C SER A 5 8.50 17.90 -13.71
N PHE A 6 8.50 17.34 -12.51
CA PHE A 6 7.88 18.04 -11.38
C PHE A 6 8.68 19.29 -11.05
N SER A 7 7.99 20.43 -10.93
CA SER A 7 8.64 21.74 -10.82
C SER A 7 8.17 22.49 -9.57
N GLY A 8 9.03 23.25 -8.94
N GLY A 8 9.16 23.18 -8.97
CA GLY A 8 8.60 24.10 -7.86
CA GLY A 8 9.02 24.01 -7.79
C GLY A 8 8.38 23.43 -6.53
C GLY A 8 8.74 23.23 -6.52
N TYR A 9 8.82 22.18 -6.36
N TYR A 9 9.18 21.98 -6.42
CA TYR A 9 8.65 21.47 -5.09
CA TYR A 9 8.90 21.19 -5.22
C TYR A 9 9.78 21.81 -4.12
C TYR A 9 9.98 21.36 -4.16
N LEU A 10 9.42 21.84 -2.84
N LEU A 10 9.54 21.45 -2.89
CA LEU A 10 10.39 21.88 -1.76
CA LEU A 10 10.44 21.50 -1.74
C LEU A 10 10.75 20.44 -1.41
C LEU A 10 10.82 20.08 -1.38
N LYS A 11 12.05 20.17 -1.25
N LYS A 11 12.10 19.73 -1.56
CA LYS A 11 12.54 18.84 -0.94
CA LYS A 11 12.63 18.44 -1.15
C LYS A 11 12.51 18.63 0.55
C LYS A 11 12.67 18.41 0.38
N LEU A 12 11.84 17.54 0.99
CA LEU A 12 11.79 17.36 2.45
C LEU A 12 12.79 16.33 2.91
N THR A 13 12.92 15.24 2.16
CA THR A 13 13.84 14.16 2.46
C THR A 13 14.46 13.68 1.15
N ASP A 14 15.23 12.60 1.24
CA ASP A 14 15.79 11.98 0.04
C ASP A 14 14.72 11.72 -1.01
N ASN A 15 13.49 11.36 -0.59
CA ASN A 15 12.50 10.86 -1.54
C ASN A 15 11.14 11.56 -1.50
N VAL A 16 10.92 12.50 -0.58
CA VAL A 16 9.63 13.17 -0.42
C VAL A 16 9.79 14.65 -0.73
N TYR A 17 8.87 15.15 -1.57
CA TYR A 17 8.83 16.52 -2.07
C TYR A 17 7.43 17.07 -1.84
N ILE A 18 7.30 18.39 -1.69
CA ILE A 18 6.01 18.99 -1.36
C ILE A 18 5.86 20.35 -2.03
N LYS A 19 4.60 20.69 -2.38
N LYS A 19 4.62 20.72 -2.36
CA LYS A 19 4.28 21.91 -3.10
CA LYS A 19 4.37 21.98 -3.04
C LYS A 19 2.86 22.33 -2.74
C LYS A 19 2.95 22.44 -2.72
N ASN A 20 2.63 23.65 -2.65
N ASN A 20 2.75 23.76 -2.60
CA ASN A 20 1.28 24.21 -2.58
CA ASN A 20 1.40 24.30 -2.45
C ASN A 20 0.73 24.18 -3.99
C ASN A 20 0.81 24.40 -3.85
N ALA A 21 -0.20 23.27 -4.25
N ALA A 21 -0.02 23.43 -4.23
CA ALA A 21 -0.75 23.14 -5.59
CA ALA A 21 -0.52 23.36 -5.60
C ALA A 21 -2.07 22.41 -5.55
C ALA A 21 -1.77 22.49 -5.67
N ASP A 22 -2.89 22.67 -6.56
N ASP A 22 -2.57 22.75 -6.70
CA ASP A 22 -4.12 21.93 -6.81
CA ASP A 22 -3.77 21.94 -7.01
C ASP A 22 -3.73 20.66 -7.56
C ASP A 22 -3.35 20.67 -7.75
N ILE A 23 -3.96 19.49 -6.93
N ILE A 23 -3.59 19.51 -7.12
CA ILE A 23 -3.51 18.23 -7.53
CA ILE A 23 -3.18 18.22 -7.71
C ILE A 23 -4.12 18.03 -8.90
C ILE A 23 -3.77 18.01 -9.11
N VAL A 24 -5.33 18.53 -9.13
N VAL A 24 -4.96 18.56 -9.37
CA VAL A 24 -5.96 18.42 -10.45
CA VAL A 24 -5.59 18.45 -10.70
C VAL A 24 -5.13 19.17 -11.48
C VAL A 24 -4.76 19.16 -11.76
N GLU A 25 -4.79 20.42 -11.17
N GLU A 25 -4.46 20.45 -11.54
CA GLU A 25 -4.02 21.24 -12.11
CA GLU A 25 -3.60 21.20 -12.46
C GLU A 25 -2.62 20.67 -12.29
C GLU A 25 -2.24 20.56 -12.51
N GLU A 26 -2.04 20.13 -11.23
N GLU A 26 -1.77 20.12 -11.36
CA GLU A 26 -0.69 19.57 -11.33
CA GLU A 26 -0.47 19.47 -11.37
C GLU A 26 -0.64 18.34 -12.26
C GLU A 26 -0.52 18.20 -12.23
N ALA A 27 -1.58 17.41 -12.10
CA ALA A 27 -1.70 16.22 -12.95
C ALA A 27 -1.88 16.58 -14.41
N LYS A 28 -2.74 17.56 -14.70
CA LYS A 28 -2.96 18.00 -16.08
C LYS A 28 -1.68 18.47 -16.71
N LYS A 29 -0.88 19.16 -15.91
N LYS A 29 -0.79 19.12 -15.95
CA LYS A 29 0.34 19.74 -16.45
CA LYS A 29 0.48 19.67 -16.49
C LYS A 29 1.47 18.71 -16.53
C LYS A 29 1.54 18.57 -16.68
N VAL A 30 1.57 17.83 -15.55
N VAL A 30 1.75 17.74 -15.65
CA VAL A 30 2.69 16.86 -15.53
CA VAL A 30 2.84 16.76 -15.65
C VAL A 30 2.40 15.56 -16.32
C VAL A 30 2.43 15.48 -16.37
N LYS A 31 1.16 15.08 -16.29
CA LYS A 31 0.74 13.78 -16.80
C LYS A 31 1.61 12.67 -16.19
N PRO A 32 1.63 12.58 -14.87
CA PRO A 32 2.49 11.60 -14.21
C PRO A 32 2.06 10.19 -14.55
N THR A 33 2.99 9.25 -14.41
CA THR A 33 2.65 7.84 -14.53
C THR A 33 1.56 7.46 -13.54
N VAL A 34 1.63 7.98 -12.31
CA VAL A 34 0.67 7.66 -11.26
C VAL A 34 0.22 8.93 -10.54
N VAL A 35 -1.10 9.16 -10.49
CA VAL A 35 -1.69 10.11 -9.56
C VAL A 35 -2.45 9.31 -8.51
N VAL A 36 -2.28 9.69 -7.24
CA VAL A 36 -2.99 9.05 -6.14
C VAL A 36 -4.30 9.77 -5.88
N ASN A 37 -5.37 9.00 -5.74
CA ASN A 37 -6.66 9.50 -5.28
C ASN A 37 -6.87 9.15 -3.82
N ALA A 38 -7.42 10.11 -3.09
CA ALA A 38 -7.88 9.94 -1.71
C ALA A 38 -9.26 9.29 -1.73
N ALA A 39 -9.28 7.97 -1.94
CA ALA A 39 -10.49 7.21 -2.18
C ALA A 39 -11.14 6.74 -0.88
N ASN A 40 -12.40 6.32 -1.00
CA ASN A 40 -13.07 5.53 0.02
C ASN A 40 -13.29 4.11 -0.51
N VAL A 41 -13.72 3.21 0.38
CA VAL A 41 -13.78 1.79 0.03
C VAL A 41 -14.77 1.50 -1.09
N TYR A 42 -15.75 2.37 -1.30
CA TYR A 42 -16.77 2.19 -2.33
C TYR A 42 -16.40 2.89 -3.63
N LEU A 43 -15.24 3.56 -3.66
CA LEU A 43 -14.83 4.39 -4.80
C LEU A 43 -15.96 5.34 -5.22
N LYS A 44 -16.62 5.93 -4.24
CA LYS A 44 -17.64 6.96 -4.47
C LYS A 44 -16.93 8.30 -4.36
N HIS A 45 -16.68 8.93 -5.50
N HIS A 45 -16.62 8.92 -5.48
CA HIS A 45 -15.79 10.10 -5.57
CA HIS A 45 -15.81 10.14 -5.47
C HIS A 45 -16.59 11.40 -5.48
C HIS A 45 -16.71 11.36 -5.27
N GLY A 46 -17.14 11.64 -4.29
N GLY A 46 -17.12 11.59 -4.01
CA GLY A 46 -18.13 12.70 -4.13
CA GLY A 46 -18.09 12.62 -3.66
C GLY A 46 -17.57 14.07 -3.82
C GLY A 46 -17.50 14.01 -3.44
N GLY A 47 -16.46 14.11 -3.09
N GLY A 47 -16.43 14.12 -2.65
CA GLY A 47 -15.95 15.37 -2.58
CA GLY A 47 -15.85 15.40 -2.32
C GLY A 47 -14.49 15.26 -2.26
C GLY A 47 -14.34 15.33 -2.13
N GLY A 48 -13.94 16.33 -1.70
N GLY A 48 -13.72 16.48 -1.86
CA GLY A 48 -12.54 16.36 -1.41
CA GLY A 48 -12.28 16.53 -1.63
C GLY A 48 -11.71 16.17 -2.66
C GLY A 48 -11.48 16.16 -2.88
N VAL A 49 -10.53 15.58 -2.49
N VAL A 49 -10.30 15.57 -2.68
CA VAL A 49 -9.65 15.31 -3.62
CA VAL A 49 -9.47 15.15 -3.81
C VAL A 49 -10.36 14.43 -4.64
C VAL A 49 -10.26 14.22 -4.74
N ALA A 50 -11.05 13.38 -4.17
N ALA A 50 -10.97 13.25 -4.17
CA ALA A 50 -11.68 12.43 -5.09
CA ALA A 50 -11.75 12.30 -4.97
C ALA A 50 -12.73 13.13 -5.95
C ALA A 50 -12.82 13.01 -5.81
N GLY A 51 -13.57 13.94 -5.34
N GLY A 51 -13.66 13.81 -5.15
CA GLY A 51 -14.59 14.63 -6.12
CA GLY A 51 -14.68 14.56 -5.88
C GLY A 51 -13.97 15.54 -7.15
C GLY A 51 -14.07 15.49 -6.93
N ALA A 52 -12.85 16.20 -6.80
N ALA A 52 -12.95 16.11 -6.60
CA ALA A 52 -12.18 17.09 -7.74
CA ALA A 52 -12.28 17.04 -7.51
C ALA A 52 -11.52 16.32 -8.88
C ALA A 52 -11.66 16.33 -8.71
N LEU A 53 -10.82 15.22 -8.56
N LEU A 53 -10.93 15.23 -8.47
CA LEU A 53 -10.21 14.42 -9.62
CA LEU A 53 -10.36 14.50 -9.61
C LEU A 53 -11.28 13.87 -10.55
C LEU A 53 -11.46 13.95 -10.49
N ASN A 54 -12.36 13.33 -9.97
N ASN A 54 -12.51 13.37 -9.90
CA ASN A 54 -13.41 12.76 -10.80
CA ASN A 54 -13.59 12.80 -10.71
C ASN A 54 -14.06 13.81 -11.70
C ASN A 54 -14.25 13.87 -11.57
N LYS A 55 -14.36 15.00 -11.14
N LYS A 55 -14.55 15.05 -10.99
CA LYS A 55 -14.94 16.06 -11.93
CA LYS A 55 -15.15 16.12 -11.77
C LYS A 55 -14.05 16.42 -13.12
C LYS A 55 -14.26 16.50 -12.96
N ALA A 56 -12.73 16.43 -12.90
N ALA A 56 -12.94 16.55 -12.75
CA ALA A 56 -11.80 16.74 -13.98
CA ALA A 56 -12.00 16.89 -13.82
C ALA A 56 -11.77 15.68 -15.08
C ALA A 56 -11.98 15.83 -14.93
N THR A 57 -12.20 14.44 -14.78
N THR A 57 -12.34 14.58 -14.63
CA THR A 57 -12.38 13.41 -15.80
CA THR A 57 -12.40 13.51 -15.63
C THR A 57 -13.79 13.43 -16.40
C THR A 57 -13.77 13.43 -16.31
N ASN A 58 -14.63 14.42 -16.08
CA ASN A 58 -15.99 14.46 -16.63
C ASN A 58 -16.79 13.22 -16.19
N ASN A 59 -16.51 12.71 -14.99
CA ASN A 59 -17.20 11.57 -14.37
C ASN A 59 -16.73 10.23 -14.93
N ALA A 60 -15.74 10.20 -15.84
CA ALA A 60 -15.27 8.91 -16.35
C ALA A 60 -14.64 8.07 -15.25
N MET A 61 -13.94 8.72 -14.32
CA MET A 61 -13.38 7.99 -13.17
C MET A 61 -14.47 7.26 -12.39
N GLN A 62 -15.61 7.93 -12.14
CA GLN A 62 -16.70 7.30 -11.41
C GLN A 62 -17.29 6.12 -12.17
N VAL A 63 -17.49 6.28 -13.49
CA VAL A 63 -18.03 5.19 -14.30
C VAL A 63 -17.13 3.97 -14.23
N GLU A 64 -15.82 4.17 -14.40
CA GLU A 64 -14.87 3.07 -14.31
C GLU A 64 -14.88 2.44 -12.93
N SER A 65 -14.96 3.29 -11.90
CA SER A 65 -14.94 2.82 -10.52
C SER A 65 -16.17 1.98 -10.19
N ASP A 66 -17.34 2.40 -10.70
CA ASP A 66 -18.55 1.64 -10.43
C ASP A 66 -18.47 0.23 -11.02
N ASP A 67 -17.90 0.11 -12.21
CA ASP A 67 -17.68 -1.21 -12.79
C ASP A 67 -16.68 -2.02 -11.95
N TYR A 68 -15.62 -1.38 -11.46
CA TYR A 68 -14.64 -2.08 -10.61
C TYR A 68 -15.32 -2.65 -9.37
N ILE A 69 -16.15 -1.85 -8.70
CA ILE A 69 -16.79 -2.30 -7.47
C ILE A 69 -17.81 -3.39 -7.77
N ALA A 70 -18.56 -3.24 -8.87
CA ALA A 70 -19.53 -4.28 -9.22
C ALA A 70 -18.86 -5.64 -9.42
N THR A 71 -17.62 -5.64 -9.92
CA THR A 71 -16.91 -6.89 -10.17
C THR A 71 -16.19 -7.40 -8.92
N ASN A 72 -15.57 -6.50 -8.16
CA ASN A 72 -14.62 -6.89 -7.12
C ASN A 72 -15.09 -6.63 -5.70
N GLY A 73 -16.14 -5.85 -5.50
CA GLY A 73 -16.54 -5.45 -4.16
C GLY A 73 -15.64 -4.35 -3.62
N PRO A 74 -15.96 -3.87 -2.43
CA PRO A 74 -15.23 -2.73 -1.85
C PRO A 74 -13.77 -3.04 -1.56
N LEU A 75 -12.98 -1.97 -1.55
CA LEU A 75 -11.62 -2.03 -1.03
C LEU A 75 -11.65 -2.18 0.50
N LYS A 76 -10.48 -2.44 1.05
CA LYS A 76 -10.21 -2.39 2.49
C LYS A 76 -9.72 -0.99 2.86
N VAL A 77 -10.07 -0.53 4.07
CA VAL A 77 -9.37 0.64 4.61
C VAL A 77 -7.91 0.29 4.76
N GLY A 78 -7.03 1.14 4.21
CA GLY A 78 -5.61 0.87 4.12
C GLY A 78 -5.20 0.25 2.79
N GLY A 79 -6.16 -0.14 1.95
CA GLY A 79 -5.88 -0.79 0.69
C GLY A 79 -5.95 0.16 -0.49
N SER A 80 -5.81 -0.43 -1.68
CA SER A 80 -5.73 0.36 -2.91
C SER A 80 -6.10 -0.49 -4.11
N CYS A 81 -6.36 0.19 -5.21
CA CYS A 81 -6.41 -0.46 -6.52
C CYS A 81 -5.87 0.51 -7.57
N VAL A 82 -5.37 -0.05 -8.66
CA VAL A 82 -4.87 0.72 -9.79
C VAL A 82 -5.94 0.73 -10.88
N LEU A 83 -6.36 1.92 -11.29
CA LEU A 83 -7.30 2.09 -12.38
C LEU A 83 -6.70 3.10 -13.36
N SER A 84 -7.46 3.44 -14.39
CA SER A 84 -6.99 4.41 -15.37
C SER A 84 -6.79 5.79 -14.74
N GLY A 85 -5.82 6.53 -15.26
CA GLY A 85 -5.67 7.94 -14.92
C GLY A 85 -6.43 8.86 -15.82
N HIS A 86 -7.15 8.33 -16.80
CA HIS A 86 -8.01 9.13 -17.69
C HIS A 86 -7.16 10.24 -18.31
N ASN A 87 -7.64 11.48 -18.28
CA ASN A 87 -6.95 12.63 -18.87
C ASN A 87 -5.93 13.23 -17.91
N LEU A 88 -5.73 12.65 -16.74
CA LEU A 88 -4.88 13.24 -15.71
C LEU A 88 -3.51 12.59 -15.56
N ALA A 89 -3.38 11.32 -15.91
CA ALA A 89 -2.20 10.52 -15.60
C ALA A 89 -2.34 9.22 -16.36
N LYS A 90 -1.27 8.46 -16.42
N LYS A 90 -1.26 8.43 -16.44
CA LYS A 90 -1.38 7.14 -17.01
CA LYS A 90 -1.41 7.10 -17.03
C LYS A 90 -2.29 6.24 -16.17
C LYS A 90 -2.33 6.26 -16.16
N HIS A 91 -2.04 6.21 -14.86
CA HIS A 91 -2.78 5.41 -13.89
C HIS A 91 -3.22 6.28 -12.74
N CYS A 92 -4.32 5.89 -12.11
CA CYS A 92 -4.72 6.41 -10.80
C CYS A 92 -4.64 5.29 -9.78
N LEU A 93 -3.85 5.52 -8.74
CA LEU A 93 -3.78 4.64 -7.58
C LEU A 93 -4.79 5.16 -6.57
N HIS A 94 -5.92 4.45 -6.46
CA HIS A 94 -6.95 4.80 -5.48
C HIS A 94 -6.55 4.20 -4.15
N VAL A 95 -6.23 5.04 -3.18
CA VAL A 95 -5.75 4.60 -1.87
C VAL A 95 -6.75 5.03 -0.80
N VAL A 96 -7.13 4.11 0.07
CA VAL A 96 -8.10 4.38 1.13
C VAL A 96 -7.34 4.61 2.43
N GLY A 97 -7.19 5.87 2.83
CA GLY A 97 -6.76 6.16 4.17
C GLY A 97 -7.93 6.09 5.13
N PRO A 98 -7.66 5.92 6.42
CA PRO A 98 -8.76 5.93 7.40
C PRO A 98 -9.42 7.30 7.45
N ASN A 99 -10.75 7.30 7.57
CA ASN A 99 -11.55 8.51 7.70
C ASN A 99 -11.92 8.66 9.18
N VAL A 100 -11.30 9.64 9.84
CA VAL A 100 -11.56 9.89 11.26
C VAL A 100 -13.03 10.25 11.50
N ASN A 101 -13.70 10.80 10.51
N ASN A 101 -13.68 10.92 10.52
CA ASN A 101 -15.10 11.09 10.72
CA ASN A 101 -15.10 11.27 10.63
C ASN A 101 -16.00 9.86 10.58
C ASN A 101 -16.03 10.06 10.50
N LYS A 102 -15.42 8.67 10.32
N LYS A 102 -15.47 8.89 10.15
CA LYS A 102 -16.12 7.39 10.41
CA LYS A 102 -16.16 7.60 10.23
C LYS A 102 -15.63 6.53 11.56
C LYS A 102 -15.68 6.75 11.41
N GLY A 103 -14.67 7.00 12.36
N GLY A 103 -14.77 7.26 12.25
CA GLY A 103 -14.16 6.23 13.48
CA GLY A 103 -14.22 6.55 13.40
C GLY A 103 -13.13 5.18 13.13
C GLY A 103 -13.17 5.49 13.10
N GLU A 104 -12.47 5.30 11.99
N GLU A 104 -12.54 5.54 11.92
CA GLU A 104 -11.54 4.28 11.53
CA GLU A 104 -11.57 4.52 11.51
C GLU A 104 -10.15 4.48 12.14
C GLU A 104 -10.21 4.71 12.19
N ASP A 105 -9.44 3.38 12.34
N ASP A 105 -9.50 3.59 12.37
CA ASP A 105 -8.23 3.37 13.15
CA ASP A 105 -8.27 3.53 13.16
C ASP A 105 -7.08 4.13 12.42
C ASP A 105 -7.14 4.21 12.39
N ILE A 106 -6.56 5.22 13.01
CA ILE A 106 -5.48 6.01 12.41
C ILE A 106 -4.23 5.18 12.15
N GLN A 107 -4.04 4.06 12.88
N GLN A 107 -4.01 4.10 12.91
CA GLN A 107 -2.89 3.21 12.62
CA GLN A 107 -2.88 3.20 12.64
C GLN A 107 -2.95 2.66 11.21
C GLN A 107 -2.94 2.69 11.21
N LEU A 108 -4.13 2.68 10.59
CA LEU A 108 -4.24 2.18 9.23
C LEU A 108 -3.62 3.15 8.25
N LEU A 109 -3.24 4.35 8.70
CA LEU A 109 -2.63 5.31 7.79
C LEU A 109 -1.29 4.80 7.26
N LYS A 110 -0.51 4.12 8.10
CA LYS A 110 0.76 3.57 7.63
C LYS A 110 0.52 2.52 6.54
N SER A 111 -0.44 1.62 6.75
CA SER A 111 -0.77 0.64 5.72
C SER A 111 -1.18 1.31 4.42
N ALA A 112 -1.95 2.39 4.51
CA ALA A 112 -2.38 3.12 3.32
C ALA A 112 -1.17 3.64 2.54
N TYR A 113 -0.22 4.27 3.24
CA TYR A 113 0.96 4.80 2.56
C TYR A 113 1.86 3.69 1.98
N GLU A 114 1.84 2.49 2.57
CA GLU A 114 2.67 1.40 2.02
C GLU A 114 2.32 1.10 0.57
N ASN A 115 1.07 1.36 0.16
CA ASN A 115 0.70 1.14 -1.24
C ASN A 115 1.56 1.98 -2.17
N PHE A 116 2.04 3.14 -1.73
CA PHE A 116 2.84 3.98 -2.61
C PHE A 116 4.15 3.30 -3.00
N ASN A 117 4.66 2.38 -2.17
CA ASN A 117 5.95 1.75 -2.41
C ASN A 117 5.93 0.82 -3.62
N GLN A 118 4.76 0.51 -4.17
CA GLN A 118 4.66 -0.30 -5.37
C GLN A 118 4.86 0.51 -6.64
N HIS A 119 5.15 1.81 -6.52
CA HIS A 119 5.26 2.71 -7.66
C HIS A 119 6.50 3.58 -7.49
N GLU A 120 7.33 3.65 -8.53
CA GLU A 120 8.63 4.32 -8.38
C GLU A 120 8.48 5.82 -8.15
N VAL A 121 7.49 6.43 -8.79
CA VAL A 121 7.24 7.88 -8.70
C VAL A 121 5.72 8.11 -8.67
N LEU A 122 5.26 9.00 -7.81
CA LEU A 122 3.84 9.31 -7.69
C LEU A 122 3.62 10.78 -7.39
N LEU A 123 2.52 11.31 -7.93
CA LEU A 123 1.93 12.58 -7.50
C LEU A 123 0.78 12.23 -6.55
N ALA A 124 0.73 12.86 -5.35
N ALA A 124 0.78 12.85 -5.40
CA ALA A 124 -0.22 12.40 -4.33
CA ALA A 124 -0.18 12.38 -4.42
C ALA A 124 -0.68 13.53 -3.43
C ALA A 124 -0.60 13.51 -3.51
N PRO A 125 -1.86 13.39 -2.81
N PRO A 125 -1.78 13.39 -2.92
CA PRO A 125 -2.25 14.23 -1.67
CA PRO A 125 -2.19 14.27 -1.85
C PRO A 125 -1.80 13.57 -0.37
C PRO A 125 -1.70 13.69 -0.53
N LEU A 126 -1.92 14.32 0.72
N LEU A 126 -1.54 14.56 0.47
CA LEU A 126 -1.73 13.75 2.04
CA LEU A 126 -1.28 14.11 1.83
C LEU A 126 -2.93 12.88 2.40
C LEU A 126 -2.48 13.28 2.30
N LEU A 127 -2.67 11.60 2.63
N LEU A 127 -2.24 12.03 2.68
CA LEU A 127 -3.73 10.66 2.93
CA LEU A 127 -3.35 11.13 2.99
C LEU A 127 -4.39 10.98 4.26
C LEU A 127 -4.08 11.50 4.28
N SER A 128 -5.71 10.81 4.31
N SER A 128 -5.41 11.30 4.26
CA SER A 128 -6.56 11.01 5.48
CA SER A 128 -6.31 11.49 5.39
C SER A 128 -6.66 12.47 5.89
C SER A 128 -6.40 12.92 5.91
N ALA A 129 -6.08 13.40 5.13
N ALA A 129 -6.00 13.90 5.10
CA ALA A 129 -6.23 14.82 5.41
CA ALA A 129 -6.09 15.31 5.45
C ALA A 129 -7.55 15.34 4.85
C ALA A 129 -7.45 15.86 5.00
N GLY A 130 -7.77 16.64 4.97
N GLY A 130 -7.66 17.17 5.15
CA GLY A 130 -9.01 17.24 4.45
CA GLY A 130 -8.92 17.76 4.69
C GLY A 130 -10.22 16.62 5.12
C GLY A 130 -10.12 17.06 5.32
N ILE A 131 -11.23 16.29 4.30
N ILE A 131 -11.11 16.68 4.52
CA ILE A 131 -12.48 15.77 4.82
CA ILE A 131 -12.38 16.15 5.06
C ILE A 131 -12.38 14.38 5.45
C ILE A 131 -12.26 14.72 5.61
N PHE A 132 -11.22 13.72 5.35
N PHE A 132 -11.08 14.11 5.54
CA PHE A 132 -11.04 12.47 6.06
CA PHE A 132 -10.83 12.83 6.22
C PHE A 132 -10.67 12.66 7.53
C PHE A 132 -10.55 13.02 7.71
N GLY A 133 -10.40 13.89 7.96
N GLY A 133 -10.20 14.24 8.13
CA GLY A 133 -10.42 14.23 9.36
CA GLY A 133 -10.13 14.63 9.53
C GLY A 133 -9.12 14.09 10.14
C GLY A 133 -8.96 14.12 10.35
N ALA A 134 -8.06 13.52 9.55
N ALA A 134 -7.86 13.68 9.73
CA ALA A 134 -6.84 13.34 10.30
CA ALA A 134 -6.68 13.29 10.51
C ALA A 134 -6.04 14.63 10.35
C ALA A 134 -5.71 14.46 10.62
N ASP A 135 -5.06 14.67 11.24
N ASP A 135 -4.78 14.37 11.59
CA ASP A 135 -4.13 15.80 11.33
CA ASP A 135 -3.76 15.42 11.74
C ASP A 135 -3.15 15.73 10.18
C ASP A 135 -2.85 15.43 10.51
N PRO A 136 -3.14 16.71 9.26
N PRO A 136 -2.77 16.53 9.76
CA PRO A 136 -2.21 16.62 8.11
CA PRO A 136 -1.90 16.54 8.56
C PRO A 136 -0.73 16.60 8.51
C PRO A 136 -0.43 16.54 8.90
N ILE A 137 -0.36 17.21 9.64
N ILE A 137 -0.03 17.22 9.97
CA ILE A 137 1.02 17.13 10.10
CA ILE A 137 1.36 17.12 10.40
C ILE A 137 1.42 15.68 10.38
C ILE A 137 1.62 15.66 10.66
N HIS A 138 0.60 14.95 11.14
CA HIS A 138 0.81 13.53 11.38
C HIS A 138 0.87 12.76 10.06
N SER A 139 -0.03 13.05 9.14
CA SER A 139 -0.01 12.34 7.87
C SER A 139 1.32 12.52 7.14
N LEU A 140 1.86 13.75 7.16
CA LEU A 140 3.15 13.98 6.50
C LEU A 140 4.26 13.18 7.17
N ARG A 141 4.25 13.11 8.51
CA ARG A 141 5.26 12.32 9.21
C ARG A 141 5.17 10.85 8.82
N VAL A 142 3.96 10.28 8.81
CA VAL A 142 3.80 8.89 8.41
C VAL A 142 4.27 8.69 6.98
N CYS A 143 3.94 9.63 6.10
CA CYS A 143 4.40 9.53 4.71
C CYS A 143 5.92 9.42 4.66
N VAL A 144 6.60 10.36 5.30
CA VAL A 144 8.06 10.39 5.26
C VAL A 144 8.66 9.11 5.84
N ASP A 145 8.04 8.59 6.89
CA ASP A 145 8.56 7.40 7.58
C ASP A 145 8.11 6.08 6.96
N THR A 146 7.29 6.11 5.90
CA THR A 146 6.74 4.89 5.32
C THR A 146 7.08 4.76 3.84
N VAL A 147 6.92 5.83 3.08
CA VAL A 147 7.14 5.80 1.64
C VAL A 147 8.63 5.89 1.36
N ARG A 148 9.13 4.96 0.56
CA ARG A 148 10.52 4.92 0.15
C ARG A 148 10.71 5.27 -1.32
N THR A 149 9.64 5.24 -2.11
CA THR A 149 9.68 5.64 -3.49
C THR A 149 9.52 7.17 -3.56
N ASN A 150 9.60 7.71 -4.75
CA ASN A 150 9.68 9.17 -4.92
C ASN A 150 8.27 9.73 -5.00
N VAL A 151 7.89 10.51 -4.00
CA VAL A 151 6.54 11.03 -3.87
C VAL A 151 6.55 12.54 -3.91
N TYR A 152 5.67 13.11 -4.72
N TYR A 152 5.68 13.09 -4.77
CA TYR A 152 5.49 14.54 -4.91
CA TYR A 152 5.44 14.52 -4.93
C TYR A 152 4.12 14.89 -4.35
C TYR A 152 4.07 14.81 -4.36
N LEU A 153 4.10 15.55 -3.20
N LEU A 153 4.05 15.43 -3.19
CA LEU A 153 2.87 15.87 -2.48
CA LEU A 153 2.81 15.79 -2.50
C LEU A 153 2.34 17.24 -2.89
C LEU A 153 2.36 17.18 -2.95
N ALA A 154 1.06 17.28 -3.23
N ALA A 154 1.19 17.26 -3.57
CA ALA A 154 0.34 18.50 -3.56
CA ALA A 154 0.58 18.54 -3.91
C ALA A 154 -0.58 18.82 -2.38
C ALA A 154 -0.43 18.88 -2.83
N VAL A 155 -0.43 20.03 -1.84
N VAL A 155 -0.23 20.00 -2.13
CA VAL A 155 -1.26 20.52 -0.75
CA VAL A 155 -1.09 20.42 -1.03
C VAL A 155 -2.05 21.72 -1.26
C VAL A 155 -1.99 21.56 -1.51
N PHE A 156 -3.37 21.58 -1.29
N PHE A 156 -3.31 21.34 -1.52
CA PHE A 156 -4.22 22.61 -1.88
CA PHE A 156 -4.26 22.33 -2.04
C PHE A 156 -4.19 23.92 -1.09
C PHE A 156 -4.30 23.58 -1.18
N ASP A 157 -4.24 23.84 0.23
N ASP A 157 -4.52 23.42 0.13
CA ASP A 157 -4.40 25.02 1.07
CA ASP A 157 -4.74 24.52 1.05
C ASP A 157 -3.03 25.64 1.35
C ASP A 157 -3.44 25.24 1.40
N LYS A 158 -2.86 26.91 0.96
N LYS A 158 -3.36 26.55 1.09
CA LYS A 158 -1.59 27.59 1.17
CA LYS A 158 -2.13 27.31 1.32
C LYS A 158 -1.26 27.72 2.66
C LYS A 158 -1.78 27.37 2.80
N ASN A 159 -2.25 28.09 3.47
N ASN A 159 -2.76 27.64 3.65
CA ASN A 159 -2.02 28.20 4.90
CA ASN A 159 -2.50 27.70 5.09
C ASN A 159 -1.53 26.87 5.47
C ASN A 159 -2.05 26.36 5.64
N LEU A 160 -2.15 25.77 5.08
N LEU A 160 -2.61 25.25 5.14
CA LEU A 160 -1.71 24.47 5.57
CA LEU A 160 -2.10 23.94 5.54
C LEU A 160 -0.32 24.12 5.05
C LEU A 160 -0.65 23.78 5.11
N TYR A 161 -0.06 24.39 3.77
N TYR A 161 -0.36 24.13 3.85
CA TYR A 161 1.27 24.11 3.22
CA TYR A 161 1.00 24.04 3.33
C TYR A 161 2.36 24.81 4.04
C TYR A 161 1.97 24.83 4.21
N ASP A 162 2.16 26.08 4.35
N ASP A 162 1.65 26.11 4.49
CA ASP A 162 3.16 26.81 5.12
CA ASP A 162 2.55 26.93 5.31
C ASP A 162 3.33 26.21 6.51
C ASP A 162 2.81 26.28 6.67
N LYS A 163 2.24 25.76 7.12
N LYS A 163 1.78 25.68 7.29
CA LYS A 163 2.33 25.13 8.43
CA LYS A 163 1.94 25.00 8.57
C LYS A 163 3.04 23.79 8.37
C LYS A 163 2.81 23.75 8.41
N LEU A 164 2.81 23.02 7.30
N LEU A 164 2.56 22.95 7.37
CA LEU A 164 3.48 21.73 7.16
CA LEU A 164 3.35 21.73 7.14
C LEU A 164 4.98 21.90 7.01
C LEU A 164 4.83 22.05 6.98
N VAL A 165 5.39 22.85 6.18
N VAL A 165 5.16 23.12 6.25
CA VAL A 165 6.81 23.11 5.97
CA VAL A 165 6.56 23.51 6.07
C VAL A 165 7.45 23.61 7.27
C VAL A 165 7.16 23.94 7.40
N SER A 166 6.82 24.60 7.89
N SER A 166 6.50 24.86 8.10
CA SER A 166 7.45 25.26 9.04
CA SER A 166 7.10 25.46 9.30
C SER A 166 7.58 24.33 10.22
C SER A 166 7.24 24.48 10.45
N SER A 167 6.71 23.34 10.35
N SER A 167 6.48 23.37 10.46
CA SER A 167 6.72 22.42 11.48
CA SER A 167 6.54 22.40 11.53
C SER A 167 7.44 21.11 11.17
C SER A 167 7.27 21.11 11.16
N PHE A 168 7.98 20.94 9.97
N PHE A 168 7.89 21.01 9.98
CA PHE A 168 8.55 19.66 9.59
CA PHE A 168 8.48 19.75 9.57
C PHE A 168 9.86 19.42 10.31
C PHE A 168 9.82 19.54 10.25
N LEU A 169 9.99 18.25 10.94
N LEU A 169 10.00 18.36 10.84
CA LEU A 169 11.21 17.88 11.60
CA LEU A 169 11.25 18.06 11.52
C LEU A 169 12.10 17.07 10.66
C LEU A 169 12.16 17.29 10.60
N SER B 1 -17.30 -24.20 13.20
CA SER B 1 -16.06 -24.50 12.44
C SER B 1 -14.84 -23.77 12.98
N MET B 2 -13.70 -24.45 12.85
N MET B 2 -13.72 -24.48 12.88
CA MET B 2 -12.42 -23.95 13.31
CA MET B 2 -12.39 -24.03 13.34
C MET B 2 -11.63 -23.47 12.10
C MET B 2 -11.57 -23.51 12.15
N VAL B 3 -11.31 -22.19 12.12
CA VAL B 3 -10.41 -21.57 11.14
C VAL B 3 -9.38 -20.78 11.94
N ASN B 4 -8.21 -20.60 11.33
CA ASN B 4 -7.11 -19.86 11.98
C ASN B 4 -6.79 -20.42 13.36
N SER B 5 -6.73 -21.75 13.47
CA SER B 5 -6.49 -22.40 14.76
C SER B 5 -5.00 -22.76 14.85
N PHE B 6 -4.20 -21.71 15.00
CA PHE B 6 -2.76 -21.86 15.13
C PHE B 6 -2.42 -22.34 16.54
N SER B 7 -1.53 -23.32 16.61
CA SER B 7 -1.08 -23.88 17.89
C SER B 7 0.39 -24.29 17.84
N GLY B 8 1.05 -24.12 18.99
CA GLY B 8 2.43 -24.51 19.19
C GLY B 8 3.41 -23.52 18.61
N TYR B 9 2.97 -22.28 18.37
CA TYR B 9 3.87 -21.24 17.89
C TYR B 9 4.58 -20.56 19.06
N LEU B 10 5.80 -20.17 18.78
CA LEU B 10 6.63 -19.41 19.70
C LEU B 10 6.47 -17.94 19.34
N LYS B 11 6.17 -17.14 20.34
N LYS B 11 6.12 -17.12 20.33
CA LYS B 11 5.97 -15.71 20.18
CA LYS B 11 5.95 -15.69 20.14
C LYS B 11 7.33 -15.02 20.06
C LYS B 11 7.31 -15.02 20.05
N LEU B 12 7.54 -14.28 18.97
CA LEU B 12 8.75 -13.47 18.82
C LEU B 12 8.49 -12.01 19.16
N THR B 13 7.37 -11.48 18.68
CA THR B 13 6.93 -10.13 18.99
C THR B 13 5.43 -10.21 19.22
N ASP B 14 4.81 -9.06 19.49
CA ASP B 14 3.37 -9.06 19.75
C ASP B 14 2.57 -9.56 18.57
N ASN B 15 3.13 -9.55 17.35
CA ASN B 15 2.38 -9.96 16.17
C ASN B 15 3.07 -10.99 15.29
N VAL B 16 4.28 -11.43 15.63
CA VAL B 16 5.02 -12.39 14.81
C VAL B 16 5.27 -13.64 15.65
N TYR B 17 4.86 -14.78 15.11
CA TYR B 17 4.94 -16.07 15.75
C TYR B 17 5.66 -17.03 14.82
N ILE B 18 6.30 -18.06 15.36
CA ILE B 18 7.10 -18.97 14.54
C ILE B 18 6.97 -20.40 15.05
N LYS B 19 7.01 -21.35 14.11
CA LYS B 19 6.89 -22.77 14.43
C LYS B 19 7.74 -23.58 13.47
N ASN B 20 8.29 -24.67 13.98
CA ASN B 20 8.96 -25.67 13.14
C ASN B 20 7.87 -26.57 12.58
N ALA B 21 7.54 -26.37 11.30
CA ALA B 21 6.40 -27.05 10.70
C ALA B 21 6.51 -27.02 9.18
N ASP B 22 5.89 -28.02 8.56
CA ASP B 22 5.65 -28.09 7.12
C ASP B 22 4.42 -27.24 6.81
N ILE B 23 4.60 -26.19 6.00
CA ILE B 23 3.53 -25.21 5.78
C ILE B 23 2.30 -25.83 5.14
N VAL B 24 2.47 -26.86 4.31
CA VAL B 24 1.30 -27.54 3.71
C VAL B 24 0.51 -28.27 4.79
N GLU B 25 1.22 -29.03 5.62
CA GLU B 25 0.57 -29.74 6.72
C GLU B 25 -0.06 -28.75 7.69
N GLU B 26 0.63 -27.64 7.96
CA GLU B 26 0.07 -26.61 8.82
C GLU B 26 -1.20 -26.03 8.24
N ALA B 27 -1.18 -25.69 6.95
CA ALA B 27 -2.36 -25.11 6.32
C ALA B 27 -3.55 -26.05 6.45
N LYS B 28 -3.33 -27.35 6.21
CA LYS B 28 -4.45 -28.29 6.25
C LYS B 28 -5.01 -28.43 7.67
N LYS B 29 -4.17 -28.27 8.69
CA LYS B 29 -4.60 -28.38 10.09
C LYS B 29 -5.24 -27.08 10.60
N VAL B 30 -4.57 -25.95 10.37
CA VAL B 30 -4.95 -24.65 10.94
C VAL B 30 -6.17 -24.09 10.25
N LYS B 31 -6.39 -24.44 8.98
N LYS B 31 -6.37 -24.43 9.01
CA LYS B 31 -7.43 -23.88 8.13
CA LYS B 31 -7.46 -23.89 8.22
C LYS B 31 -7.37 -22.34 8.13
C LYS B 31 -7.37 -22.35 8.19
N PRO B 32 -6.27 -21.77 7.68
CA PRO B 32 -6.11 -20.31 7.72
C PRO B 32 -6.97 -19.62 6.66
N THR B 33 -7.36 -18.37 6.97
CA THR B 33 -7.97 -17.52 5.95
C THR B 33 -7.00 -17.26 4.82
N VAL B 34 -5.71 -17.07 5.13
CA VAL B 34 -4.71 -16.72 4.14
C VAL B 34 -3.47 -17.57 4.35
N VAL B 35 -3.03 -18.26 3.29
CA VAL B 35 -1.68 -18.82 3.24
C VAL B 35 -0.89 -18.02 2.21
N VAL B 36 0.34 -17.66 2.58
CA VAL B 36 1.23 -16.94 1.68
C VAL B 36 2.06 -17.91 0.86
N ASN B 37 2.12 -17.67 -0.44
CA ASN B 37 3.02 -18.38 -1.33
C ASN B 37 4.25 -17.53 -1.63
N ALA B 38 5.41 -18.18 -1.64
CA ALA B 38 6.68 -17.60 -2.08
C ALA B 38 6.72 -17.66 -3.61
N ALA B 39 6.03 -16.70 -4.23
CA ALA B 39 5.78 -16.68 -5.66
C ALA B 39 6.90 -15.97 -6.43
N ASN B 40 6.87 -16.16 -7.75
CA ASN B 40 7.63 -15.37 -8.70
C ASN B 40 6.66 -14.59 -9.59
N VAL B 41 7.20 -13.69 -10.40
CA VAL B 41 6.34 -12.72 -11.10
C VAL B 41 5.39 -13.37 -12.10
N TYR B 42 5.75 -14.53 -12.66
CA TYR B 42 4.88 -15.22 -13.60
C TYR B 42 4.09 -16.34 -12.93
N LEU B 43 4.12 -16.43 -11.61
CA LEU B 43 3.33 -17.42 -10.88
C LEU B 43 3.58 -18.82 -11.42
N LYS B 44 4.86 -19.14 -11.67
CA LYS B 44 5.28 -20.47 -12.09
C LYS B 44 5.77 -21.19 -10.83
N HIS B 45 4.95 -22.13 -10.35
CA HIS B 45 5.14 -22.70 -9.01
C HIS B 45 5.96 -23.98 -9.11
N GLY B 46 7.26 -23.80 -9.36
CA GLY B 46 8.10 -24.97 -9.59
C GLY B 46 8.71 -25.61 -8.36
N GLY B 47 9.34 -24.80 -7.52
CA GLY B 47 10.24 -25.31 -6.51
C GLY B 47 9.89 -24.75 -5.13
N GLY B 48 10.58 -25.26 -4.12
CA GLY B 48 10.41 -24.73 -2.79
C GLY B 48 8.97 -24.71 -2.35
N VAL B 49 8.62 -23.65 -1.63
CA VAL B 49 7.26 -23.51 -1.09
C VAL B 49 6.22 -23.55 -2.20
N ALA B 50 6.45 -22.81 -3.29
CA ALA B 50 5.43 -22.73 -4.33
C ALA B 50 5.17 -24.10 -4.95
N GLY B 51 6.24 -24.86 -5.21
CA GLY B 51 6.05 -26.20 -5.75
C GLY B 51 5.25 -27.09 -4.81
N ALA B 52 5.53 -27.00 -3.51
CA ALA B 52 4.82 -27.81 -2.53
C ALA B 52 3.35 -27.41 -2.43
N LEU B 53 3.06 -26.10 -2.37
CA LEU B 53 1.67 -25.67 -2.30
C LEU B 53 0.92 -26.12 -3.54
N ASN B 54 1.52 -25.90 -4.73
CA ASN B 54 0.82 -26.27 -5.95
C ASN B 54 0.56 -27.77 -6.01
N LYS B 55 1.56 -28.57 -5.65
CA LYS B 55 1.38 -30.03 -5.64
C LYS B 55 0.23 -30.43 -4.72
N ALA B 56 0.11 -29.78 -3.55
CA ALA B 56 -0.97 -30.12 -2.63
C ALA B 56 -2.34 -29.85 -3.25
N THR B 57 -2.43 -28.86 -4.14
CA THR B 57 -3.66 -28.56 -4.85
C THR B 57 -3.85 -29.41 -6.10
N ASN B 58 -2.99 -30.39 -6.34
CA ASN B 58 -3.13 -31.23 -7.54
C ASN B 58 -3.08 -30.37 -8.80
N ASN B 59 -2.23 -29.34 -8.79
CA ASN B 59 -1.94 -28.44 -9.93
C ASN B 59 -3.07 -27.44 -10.16
N ALA B 60 -4.13 -27.41 -9.36
CA ALA B 60 -5.18 -26.42 -9.57
C ALA B 60 -4.67 -25.01 -9.39
N MET B 61 -3.73 -24.82 -8.45
CA MET B 61 -3.15 -23.50 -8.26
C MET B 61 -2.44 -23.03 -9.53
N GLN B 62 -1.69 -23.91 -10.20
CA GLN B 62 -0.97 -23.51 -11.40
C GLN B 62 -1.93 -23.16 -12.53
N VAL B 63 -3.00 -23.95 -12.69
CA VAL B 63 -3.97 -23.65 -13.75
C VAL B 63 -4.61 -22.28 -13.50
N GLU B 64 -5.02 -22.03 -12.27
CA GLU B 64 -5.62 -20.74 -11.92
C GLU B 64 -4.62 -19.61 -12.11
N SER B 65 -3.36 -19.84 -11.74
CA SER B 65 -2.32 -18.83 -11.90
C SER B 65 -2.06 -18.48 -13.35
N ASP B 66 -2.00 -19.50 -14.22
CA ASP B 66 -1.77 -19.22 -15.63
C ASP B 66 -2.90 -18.38 -16.23
N ASP B 67 -4.14 -18.65 -15.82
CA ASP B 67 -5.26 -17.82 -16.27
C ASP B 67 -5.13 -16.39 -15.75
N TYR B 68 -4.74 -16.22 -14.47
CA TYR B 68 -4.51 -14.89 -13.92
C TYR B 68 -3.48 -14.12 -14.75
N ILE B 69 -2.37 -14.78 -15.10
CA ILE B 69 -1.31 -14.13 -15.88
C ILE B 69 -1.82 -13.76 -17.27
N ALA B 70 -2.59 -14.64 -17.90
CA ALA B 70 -3.12 -14.31 -19.21
C ALA B 70 -3.95 -13.03 -19.17
N THR B 71 -4.73 -12.85 -18.11
CA THR B 71 -5.62 -11.70 -17.99
C THR B 71 -4.88 -10.44 -17.53
N ASN B 72 -3.92 -10.57 -16.62
CA ASN B 72 -3.34 -9.44 -15.90
C ASN B 72 -1.86 -9.19 -16.17
N GLY B 73 -1.14 -10.13 -16.77
CA GLY B 73 0.29 -10.00 -16.91
C GLY B 73 1.02 -10.28 -15.61
N PRO B 74 2.34 -10.23 -15.66
CA PRO B 74 3.15 -10.61 -14.49
C PRO B 74 3.04 -9.57 -13.38
N LEU B 75 3.29 -10.07 -12.16
CA LEU B 75 3.42 -9.22 -11.00
C LEU B 75 4.74 -8.46 -11.06
N LYS B 76 4.87 -7.47 -10.17
CA LYS B 76 6.14 -6.79 -9.88
C LYS B 76 6.86 -7.52 -8.74
N VAL B 77 8.20 -7.54 -8.78
CA VAL B 77 8.95 -7.95 -7.59
C VAL B 77 8.59 -6.98 -6.47
N GLY B 78 8.20 -7.54 -5.31
CA GLY B 78 7.70 -6.76 -4.20
C GLY B 78 6.18 -6.71 -4.15
N GLY B 79 5.50 -7.18 -5.20
CA GLY B 79 4.06 -7.14 -5.30
C GLY B 79 3.40 -8.47 -4.93
N SER B 80 2.08 -8.49 -5.07
CA SER B 80 1.30 -9.66 -4.69
C SER B 80 -0.03 -9.70 -5.43
N CYS B 81 -0.67 -10.86 -5.40
CA CYS B 81 -2.06 -10.97 -5.79
C CYS B 81 -2.74 -12.00 -4.89
N VAL B 82 -4.05 -11.86 -4.74
CA VAL B 82 -4.88 -12.79 -3.98
C VAL B 82 -5.59 -13.72 -4.94
N LEU B 83 -5.40 -15.03 -4.77
CA LEU B 83 -6.10 -16.05 -5.53
C LEU B 83 -6.72 -17.05 -4.55
N SER B 84 -7.35 -18.09 -5.09
CA SER B 84 -7.95 -19.10 -4.22
C SER B 84 -6.90 -19.81 -3.41
N GLY B 85 -7.29 -20.26 -2.21
CA GLY B 85 -6.46 -21.14 -1.42
C GLY B 85 -6.75 -22.62 -1.61
N HIS B 86 -7.70 -23.00 -2.46
CA HIS B 86 -7.92 -24.41 -2.83
C HIS B 86 -8.16 -25.24 -1.57
N ASN B 87 -7.42 -26.33 -1.36
CA ASN B 87 -7.57 -27.18 -0.20
C ASN B 87 -6.66 -26.75 0.96
N LEU B 88 -6.05 -25.58 0.86
CA LEU B 88 -5.09 -25.11 1.86
C LEU B 88 -5.60 -23.98 2.73
N ALA B 89 -6.47 -23.12 2.19
CA ALA B 89 -6.82 -21.87 2.86
C ALA B 89 -7.99 -21.28 2.10
N LYS B 90 -8.64 -20.29 2.70
CA LYS B 90 -9.64 -19.55 1.93
C LYS B 90 -8.97 -18.87 0.73
N HIS B 91 -7.86 -18.19 0.97
CA HIS B 91 -7.13 -17.45 -0.05
C HIS B 91 -5.66 -17.82 0.00
N CYS B 92 -5.01 -17.74 -1.16
CA CYS B 92 -3.55 -17.73 -1.23
C CYS B 92 -3.10 -16.34 -1.65
N LEU B 93 -2.27 -15.72 -0.81
CA LEU B 93 -1.61 -14.46 -1.14
C LEU B 93 -0.26 -14.79 -1.76
N HIS B 94 -0.17 -14.62 -3.08
CA HIS B 94 1.06 -14.87 -3.82
C HIS B 94 1.92 -13.62 -3.71
N VAL B 95 3.05 -13.71 -2.99
CA VAL B 95 3.91 -12.55 -2.74
C VAL B 95 5.26 -12.80 -3.39
N VAL B 96 5.76 -11.83 -4.14
CA VAL B 96 7.03 -11.95 -4.83
C VAL B 96 8.11 -11.22 -4.03
N GLY B 97 8.95 -11.96 -3.31
CA GLY B 97 10.15 -11.41 -2.74
C GLY B 97 11.26 -11.40 -3.76
N PRO B 98 12.29 -10.57 -3.57
CA PRO B 98 13.45 -10.60 -4.46
C PRO B 98 14.18 -11.93 -4.37
N ASN B 99 14.58 -12.43 -5.53
CA ASN B 99 15.37 -13.65 -5.64
C ASN B 99 16.85 -13.25 -5.80
N VAL B 100 17.62 -13.32 -4.69
CA VAL B 100 19.04 -12.97 -4.69
C VAL B 100 19.84 -13.92 -5.59
N ASN B 101 19.39 -15.17 -5.76
CA ASN B 101 20.05 -16.11 -6.67
C ASN B 101 19.87 -15.70 -8.13
N LYS B 102 18.98 -14.76 -8.38
CA LYS B 102 18.78 -14.19 -9.71
C LYS B 102 19.26 -12.74 -9.78
N GLY B 103 19.96 -12.26 -8.75
CA GLY B 103 20.54 -10.93 -8.71
C GLY B 103 19.57 -9.81 -8.41
N GLU B 104 18.40 -10.11 -7.84
CA GLU B 104 17.40 -9.08 -7.58
C GLU B 104 17.73 -8.35 -6.29
N ASP B 105 17.28 -7.11 -6.19
CA ASP B 105 17.72 -6.25 -5.10
C ASP B 105 17.04 -6.67 -3.81
N ILE B 106 17.83 -7.15 -2.84
CA ILE B 106 17.36 -7.56 -1.53
C ILE B 106 16.58 -6.42 -0.86
N GLN B 107 16.86 -5.17 -1.27
CA GLN B 107 16.14 -4.02 -0.72
C GLN B 107 14.63 -4.11 -0.96
N LEU B 108 14.17 -4.86 -1.97
CA LEU B 108 12.72 -5.00 -2.25
C LEU B 108 12.01 -5.91 -1.28
N LEU B 109 12.72 -6.51 -0.34
CA LEU B 109 12.11 -7.43 0.61
C LEU B 109 11.13 -6.70 1.53
N LYS B 110 11.43 -5.45 1.91
CA LYS B 110 10.49 -4.73 2.77
C LYS B 110 9.16 -4.50 2.04
N SER B 111 9.22 -4.05 0.79
CA SER B 111 7.99 -3.89 0.01
C SER B 111 7.21 -5.20 -0.06
N ALA B 112 7.91 -6.31 -0.26
CA ALA B 112 7.22 -7.60 -0.33
C ALA B 112 6.47 -7.88 0.98
N TYR B 113 7.12 -7.69 2.12
CA TYR B 113 6.45 -7.92 3.41
C TYR B 113 5.29 -6.97 3.66
N GLU B 114 5.34 -5.75 3.10
CA GLU B 114 4.23 -4.82 3.32
C GLU B 114 2.91 -5.39 2.83
N ASN B 115 2.93 -6.30 1.85
CA ASN B 115 1.69 -6.91 1.39
C ASN B 115 0.97 -7.64 2.52
N PHE B 116 1.72 -8.17 3.49
CA PHE B 116 1.10 -8.90 4.58
C PHE B 116 0.17 -8.00 5.40
N ASN B 117 0.45 -6.69 5.45
CA ASN B 117 -0.34 -5.78 6.28
C ASN B 117 -1.77 -5.59 5.78
N GLN B 118 -2.07 -6.08 4.59
CA GLN B 118 -3.45 -6.01 4.07
C GLN B 118 -4.32 -7.17 4.56
N HIS B 119 -3.79 -8.03 5.44
CA HIS B 119 -4.51 -9.20 5.94
C HIS B 119 -4.32 -9.30 7.43
N GLU B 120 -5.41 -9.50 8.18
N GLU B 120 -5.42 -9.49 8.17
CA GLU B 120 -5.31 -9.44 9.63
CA GLU B 120 -5.33 -9.44 9.62
C GLU B 120 -4.51 -10.60 10.21
C GLU B 120 -4.51 -10.59 10.19
N VAL B 121 -4.57 -11.76 9.57
CA VAL B 121 -3.82 -12.93 10.03
C VAL B 121 -3.43 -13.78 8.83
N LEU B 122 -2.18 -14.29 8.84
CA LEU B 122 -1.63 -15.06 7.74
C LEU B 122 -0.76 -16.20 8.26
N LEU B 123 -0.79 -17.32 7.54
CA LEU B 123 0.21 -18.38 7.63
C LEU B 123 1.21 -18.15 6.50
N ALA B 124 2.51 -18.10 6.82
CA ALA B 124 3.47 -17.68 5.81
C ALA B 124 4.82 -18.34 5.95
N PRO B 125 5.57 -18.44 4.86
CA PRO B 125 7.01 -18.73 4.90
C PRO B 125 7.79 -17.43 5.03
N LEU B 126 9.08 -17.56 5.33
CA LEU B 126 9.98 -16.40 5.26
C LEU B 126 10.25 -16.03 3.82
N LEU B 127 9.94 -14.80 3.45
CA LEU B 127 10.09 -14.37 2.08
C LEU B 127 11.57 -14.27 1.70
N SER B 128 11.85 -14.61 0.45
CA SER B 128 13.17 -14.56 -0.16
C SER B 128 14.15 -15.57 0.45
N ALA B 129 13.69 -16.43 1.37
CA ALA B 129 14.54 -17.47 1.92
C ALA B 129 14.65 -18.66 0.97
N GLY B 130 15.47 -19.62 1.39
CA GLY B 130 15.53 -20.89 0.71
C GLY B 130 16.03 -20.73 -0.69
N ILE B 131 15.25 -21.22 -1.66
CA ILE B 131 15.69 -21.21 -3.05
C ILE B 131 15.80 -19.79 -3.60
N PHE B 132 15.24 -18.79 -2.92
CA PHE B 132 15.39 -17.40 -3.33
C PHE B 132 16.71 -16.77 -2.85
N GLY B 133 17.46 -17.44 -1.97
CA GLY B 133 18.85 -17.08 -1.69
C GLY B 133 19.14 -16.00 -0.67
N ALA B 134 18.14 -15.37 -0.05
CA ALA B 134 18.44 -14.38 0.97
C ALA B 134 18.75 -15.06 2.30
N ASP B 135 19.43 -14.33 3.16
CA ASP B 135 19.72 -14.80 4.51
C ASP B 135 18.40 -14.89 5.27
N PRO B 136 17.98 -16.08 5.73
CA PRO B 136 16.71 -16.15 6.46
C PRO B 136 16.70 -15.33 7.74
N ILE B 137 17.86 -15.12 8.38
CA ILE B 137 17.92 -14.26 9.56
C ILE B 137 17.52 -12.85 9.20
N HIS B 138 17.99 -12.38 8.05
CA HIS B 138 17.59 -11.07 7.55
C HIS B 138 16.11 -11.03 7.20
N SER B 139 15.60 -12.09 6.56
CA SER B 139 14.20 -12.09 6.21
C SER B 139 13.33 -11.98 7.46
N LEU B 140 13.69 -12.70 8.52
CA LEU B 140 12.94 -12.58 9.77
C LEU B 140 13.02 -11.17 10.34
N ARG B 141 14.20 -10.55 10.27
CA ARG B 141 14.38 -9.15 10.71
C ARG B 141 13.42 -8.23 9.97
N VAL B 142 13.42 -8.31 8.65
CA VAL B 142 12.54 -7.44 7.86
C VAL B 142 11.07 -7.75 8.18
N CYS B 143 10.74 -9.02 8.34
CA CYS B 143 9.36 -9.38 8.70
C CYS B 143 8.94 -8.68 9.99
N VAL B 144 9.74 -8.81 11.04
CA VAL B 144 9.38 -8.24 12.32
C VAL B 144 9.31 -6.72 12.26
N ASP B 145 10.15 -6.10 11.45
CA ASP B 145 10.22 -4.65 11.39
C ASP B 145 9.23 -4.06 10.39
N THR B 146 8.50 -4.90 9.65
CA THR B 146 7.58 -4.42 8.62
C THR B 146 6.15 -4.86 8.84
N VAL B 147 5.93 -6.11 9.22
CA VAL B 147 4.58 -6.64 9.35
C VAL B 147 4.03 -6.22 10.70
N ARG B 148 2.80 -5.70 10.69
CA ARG B 148 2.09 -5.31 11.90
C ARG B 148 0.87 -6.18 12.17
N THR B 149 0.38 -6.89 11.16
CA THR B 149 -0.72 -7.83 11.35
C THR B 149 -0.15 -9.16 11.87
N ASN B 150 -1.03 -10.11 12.17
CA ASN B 150 -0.60 -11.32 12.86
C ASN B 150 -0.08 -12.34 11.85
N VAL B 151 1.22 -12.63 11.91
CA VAL B 151 1.84 -13.53 10.97
C VAL B 151 2.42 -14.74 11.72
N TYR B 152 2.04 -15.92 11.24
CA TYR B 152 2.45 -17.21 11.79
C TYR B 152 3.39 -17.84 10.76
N LEU B 153 4.69 -17.87 11.09
CA LEU B 153 5.73 -18.32 10.19
C LEU B 153 5.99 -19.80 10.41
N ALA B 154 6.01 -20.55 9.31
CA ALA B 154 6.32 -21.98 9.31
C ALA B 154 7.73 -22.15 8.73
N VAL B 155 8.60 -22.79 9.50
CA VAL B 155 9.97 -23.07 9.09
C VAL B 155 10.13 -24.58 9.11
N PHE B 156 10.41 -25.16 7.93
CA PHE B 156 10.43 -26.62 7.80
C PHE B 156 11.59 -27.28 8.54
N ASP B 157 12.80 -26.78 8.37
CA ASP B 157 13.96 -27.45 8.93
C ASP B 157 14.15 -27.05 10.39
N LYS B 158 14.10 -28.02 11.31
CA LYS B 158 14.35 -27.77 12.73
C LYS B 158 15.65 -27.01 12.97
N ASN B 159 16.70 -27.34 12.23
CA ASN B 159 17.99 -26.69 12.45
C ASN B 159 17.96 -25.23 12.03
N LEU B 160 17.21 -24.87 10.98
CA LEU B 160 17.08 -23.46 10.64
C LEU B 160 16.18 -22.76 11.65
N TYR B 161 15.09 -23.42 12.06
CA TYR B 161 14.23 -22.88 13.10
C TYR B 161 15.05 -22.51 14.33
N ASP B 162 15.91 -23.42 14.78
CA ASP B 162 16.72 -23.16 15.97
C ASP B 162 17.67 -21.99 15.75
N LYS B 163 18.28 -21.91 14.56
CA LYS B 163 19.15 -20.78 14.23
C LYS B 163 18.39 -19.45 14.26
N LEU B 164 17.17 -19.45 13.73
CA LEU B 164 16.36 -18.23 13.69
C LEU B 164 15.94 -17.80 15.09
N VAL B 165 15.44 -18.74 15.90
CA VAL B 165 14.95 -18.41 17.24
C VAL B 165 16.11 -18.03 18.15
N SER B 166 17.17 -18.84 18.11
CA SER B 166 18.29 -18.67 19.04
C SER B 166 19.01 -17.35 18.80
N SER B 167 19.01 -16.85 17.56
CA SER B 167 19.70 -15.60 17.20
C SER B 167 18.78 -14.38 17.19
N PHE B 168 17.46 -14.55 17.37
CA PHE B 168 16.55 -13.42 17.27
C PHE B 168 16.76 -12.45 18.42
N LEU B 169 17.10 -13.00 19.59
CA LEU B 169 17.29 -12.22 20.80
C LEU B 169 18.32 -12.82 21.75
C18 QOR C . -8.79 20.24 -5.29
C17 QOR C . -7.63 19.83 -4.66
C15 QOR C . -8.84 19.31 -2.79
C14 QOR C . -8.87 18.81 -1.34
C12 QOR C . -7.48 18.18 0.70
C11 QOR C . -7.98 16.73 0.92
C10 QOR C . -9.27 16.22 0.97
C20 QOR C . -9.82 21.56 -7.22
C02 QOR C . -5.17 19.22 0.53
C03 QOR C . -6.06 18.14 1.22
C04 QOR C . -5.58 16.74 1.02
C05 QOR C . -6.87 15.88 1.12
C06 QOR C . -7.07 14.52 1.35
C08 QOR C . -8.37 14.01 1.40
C09 QOR C . -9.47 14.86 1.21
C21 QOR C . -9.68 21.60 -8.67
C22 QOR C . -10.74 22.50 -9.33
C24 QOR C . -10.94 23.71 -7.32
C25 QOR C . -9.83 22.90 -6.66
C27 QOR C . -9.99 19.74 -3.41
N13 QOR C . -7.59 18.61 -0.67
N16 QOR C . -7.68 19.39 -3.42
N19 QOR C . -8.74 20.74 -6.65
N26 QOR C . -9.96 20.20 -4.65
O01 QOR C . -4.43 18.92 -0.44
O07 QOR C . -5.99 13.65 1.55
O23 QOR C . -10.74 23.84 -8.76
O28 QOR C . -9.90 18.61 -0.78
O29 QOR C . -5.19 20.41 0.96
H171 QOR C . -6.67 19.88 -5.18
H121 QOR C . -8.06 18.86 1.33
H101 QOR C . -10.12 16.87 0.81
H201 QOR C . -10.76 21.08 -6.96
H031 QOR C . -6.10 18.32 2.29
H041 QOR C . -4.88 16.46 1.80
H042 QOR C . -5.15 16.61 0.04
H081 QOR C . -8.53 12.96 1.60
H091 QOR C . -10.47 14.46 1.24
H211 QOR C . -9.75 20.61 -9.09
H212 QOR C . -8.71 22.03 -8.91
H221 QOR C . -11.71 22.09 -9.13
H222 QOR C . -10.57 22.56 -10.39
H241 QOR C . -11.91 23.24 -7.15
H242 QOR C . -10.94 24.70 -6.89
H252 QOR C . -9.97 22.89 -5.58
H251 QOR C . -8.88 23.39 -6.90
H271 QOR C . -10.94 19.68 -2.88
H131 QOR C . -6.78 18.81 -1.20
H191 QOR C . -7.95 20.51 -7.22
H071 QOR C . -5.88 13.10 0.80
C02 QP9 D . -5.25 18.25 0.32
C03 QP9 D . -6.42 18.06 1.33
C04 QP9 D . -6.20 18.77 2.62
C05 QP9 D . -7.15 19.99 2.67
C06 QP9 D . -7.24 21.06 3.55
C08 QP9 D . -8.19 22.04 3.36
C09 QP9 D . -9.07 21.96 2.28
C10 QP9 D . -8.99 20.89 1.39
C11 QP9 D . -8.03 19.90 1.58
C12 QP9 D . -7.71 18.59 0.77
C14 QP9 D . -8.95 18.91 -1.37
C15 QP9 D . -8.86 19.34 -2.81
C17 QP9 D . -7.63 19.84 -4.67
C18 QP9 D . -8.80 20.23 -5.31
C20 QP9 D . -9.82 21.55 -7.22
C21 QP9 D . -9.83 22.90 -6.66
C22 QP9 D . -10.94 23.71 -7.33
C24 QP9 D . -10.73 22.51 -9.32
C25 QP9 D . -9.69 21.60 -8.68
C27 QP9 D . -10.02 19.77 -3.43
N13 QP9 D . -7.71 18.91 -0.63
N16 QP9 D . -7.69 19.42 -3.42
N19 QP9 D . -8.74 20.72 -6.67
N26 QP9 D . -9.97 20.20 -4.69
O01 QP9 D . -4.80 17.22 -0.26
O07 QP9 D . -6.35 21.15 4.65
O23 QP9 D . -10.75 23.84 -8.75
O28 QP9 D . -9.98 18.67 -0.85
O29 QP9 D . -4.77 19.39 0.11
H031 QP9 D . -6.52 17.02 1.54
H042 QP9 D . -5.17 19.11 2.68
H041 QP9 D . -6.45 18.09 3.42
H081 QP9 D . -8.26 22.88 4.05
H091 QP9 D . -9.82 22.73 2.12
H101 QP9 D . -9.66 20.83 0.55
H121 QP9 D . -8.45 17.85 0.99
H171 QP9 D . -6.68 19.86 -5.17
H201 QP9 D . -10.76 21.08 -6.96
H211 QP9 D . -8.86 23.39 -6.77
H212 QP9 D . -10.07 22.83 -5.61
H222 QP9 D . -11.00 24.69 -6.87
H221 QP9 D . -11.88 23.17 -7.18
H241 QP9 D . -10.50 22.60 -10.38
H242 QP9 D . -11.73 22.08 -9.21
H252 QP9 D . -8.71 22.03 -8.91
H251 QP9 D . -9.76 20.61 -9.10
H271 QP9 D . -10.96 19.70 -2.89
H131 QP9 D . -6.86 19.15 -1.12
H191 QP9 D . -7.96 20.49 -7.25
H071 QP9 D . -6.84 21.01 5.44
#